data_6DFY
#
_entry.id   6DFY
#
_cell.length_a   51.610
_cell.length_b   51.610
_cell.length_c   166.550
_cell.angle_alpha   90.00
_cell.angle_beta   90.00
_cell.angle_gamma   90.00
#
_symmetry.space_group_name_H-M   'P 41 21 2'
#
loop_
_entity.id
_entity.type
_entity.pdbx_description
1 polymer 'Double homeobox protein 4'
2 polymer "DNA (5'-D(*AP*AP*GP*AP*TP*TP*AP*GP*AP*TP*TP*AP*GP*T)-3')"
3 polymer "DNA (5'-D(*TP*TP*CP*TP*AP*AP*TP*CP*TP*AP*AP*TP*CP*A)-3')"
4 water water
#
loop_
_entity_poly.entity_id
_entity_poly.type
_entity_poly.pdbx_seq_one_letter_code
_entity_poly.pdbx_strand_id
1 'polypeptide(L)' GSHMGRRKRTAVTGSQTALLLRAFEKDRFPGIAAREELARETGLPESRIQIWFQNRRARHPGQG C,D
2 'polydeoxyribonucleotide' (DA)(DA)(DG)(DA)(DT)(DT)(DA)(DG)(DA)(DT)(DT)(DA)(DG)(DT) E
3 'polydeoxyribonucleotide' (DT)(DT)(DC)(DT)(DA)(DA)(DT)(DC)(DT)(DA)(DA)(DT)(DC)(DA) F
#
loop_
_chem_comp.id
_chem_comp.type
_chem_comp.name
_chem_comp.formula
DA DNA linking 2'-DEOXYADENOSINE-5'-MONOPHOSPHATE 'C10 H14 N5 O6 P'
DC DNA linking 2'-DEOXYCYTIDINE-5'-MONOPHOSPHATE 'C9 H14 N3 O7 P'
DG DNA linking 2'-DEOXYGUANOSINE-5'-MONOPHOSPHATE 'C10 H14 N5 O7 P'
DT DNA linking THYMIDINE-5'-MONOPHOSPHATE 'C10 H15 N2 O8 P'
#
# COMPACT_ATOMS: atom_id res chain seq x y z
N ARG A 9 6.69 -14.25 2.45
CA ARG A 9 7.86 -15.05 2.82
C ARG A 9 9.14 -14.42 2.29
N THR A 10 9.08 -13.76 1.13
CA THR A 10 10.32 -13.24 0.56
C THR A 10 10.01 -12.33 -0.62
N ALA A 11 10.86 -11.31 -0.78
CA ALA A 11 10.85 -10.44 -1.94
C ALA A 11 11.02 -11.27 -3.22
N VAL A 12 10.45 -10.80 -4.33
CA VAL A 12 10.65 -11.50 -5.59
C VAL A 12 11.78 -10.82 -6.38
N THR A 13 12.36 -11.60 -7.29
CA THR A 13 13.50 -11.17 -8.09
C THR A 13 13.09 -10.28 -9.26
N GLY A 14 14.11 -9.73 -9.91
CA GLY A 14 13.89 -8.87 -11.07
C GLY A 14 13.32 -9.64 -12.24
N SER A 15 13.87 -10.85 -12.48
CA SER A 15 13.39 -11.70 -13.58
C SER A 15 11.93 -12.07 -13.37
N GLN A 16 11.55 -12.43 -12.14
CA GLN A 16 10.17 -12.80 -11.90
C GLN A 16 9.26 -11.61 -12.15
N THR A 17 9.71 -10.43 -11.70
CA THR A 17 8.95 -9.20 -11.96
C THR A 17 8.76 -8.99 -13.46
N ALA A 18 9.85 -9.09 -14.22
CA ALA A 18 9.82 -8.83 -15.66
C ALA A 18 8.86 -9.77 -16.36
N LEU A 19 8.86 -11.02 -15.96
CA LEU A 19 7.99 -12.02 -16.54
C LEU A 19 6.52 -11.67 -16.30
N LEU A 20 6.16 -11.31 -15.07
CA LEU A 20 4.78 -10.97 -14.77
C LEU A 20 4.31 -9.77 -15.60
N LEU A 21 5.19 -8.78 -15.80
CA LEU A 21 4.79 -7.62 -16.60
C LEU A 21 4.58 -8.00 -18.05
N ARG A 22 5.45 -8.86 -18.60
CA ARG A 22 5.28 -9.25 -19.97
C ARG A 22 3.93 -9.94 -20.14
N ALA A 23 3.59 -10.82 -19.19
CA ALA A 23 2.29 -11.46 -19.18
C ALA A 23 1.19 -10.42 -18.98
N PHE A 24 1.38 -9.55 -17.99
CA PHE A 24 0.42 -8.51 -17.66
C PHE A 24 0.09 -7.64 -18.87
N GLU A 25 1.10 -7.31 -19.67
CA GLU A 25 0.89 -6.43 -20.81
C GLU A 25 0.19 -7.12 -21.98
N LYS A 26 -0.01 -8.44 -21.92
CA LYS A 26 -0.81 -9.12 -22.92
C LYS A 26 -2.17 -9.61 -22.46
N ASP A 27 -2.32 -9.93 -21.18
CA ASP A 27 -3.59 -10.42 -20.65
C ASP A 27 -3.74 -9.85 -19.25
N ARG A 28 -4.49 -8.77 -19.13
CA ARG A 28 -4.56 -8.04 -17.87
C ARG A 28 -5.41 -8.80 -16.86
N PHE A 29 -6.28 -9.69 -17.32
CA PHE A 29 -7.17 -10.48 -16.48
C PHE A 29 -6.97 -11.95 -16.86
N PRO A 30 -5.79 -12.47 -16.59
CA PRO A 30 -5.53 -13.88 -16.93
C PRO A 30 -6.47 -14.76 -16.14
N GLY A 31 -7.01 -15.77 -16.81
CA GLY A 31 -7.84 -16.74 -16.15
C GLY A 31 -7.00 -17.72 -15.35
N ILE A 32 -7.70 -18.62 -14.65
CA ILE A 32 -7.03 -19.52 -13.74
C ILE A 32 -5.99 -20.33 -14.49
N ALA A 33 -6.28 -20.71 -15.73
CA ALA A 33 -5.34 -21.52 -16.47
C ALA A 33 -4.08 -20.72 -16.76
N ALA A 34 -4.23 -19.47 -17.16
CA ALA A 34 -3.08 -18.61 -17.40
C ALA A 34 -2.29 -18.39 -16.11
N ARG A 35 -2.99 -18.19 -15.00
CA ARG A 35 -2.31 -17.91 -13.74
C ARG A 35 -1.54 -19.11 -13.22
N GLU A 36 -2.09 -20.31 -13.38
CA GLU A 36 -1.37 -21.49 -12.93
C GLU A 36 -0.10 -21.70 -13.73
N GLU A 37 -0.17 -21.46 -15.05
CA GLU A 37 1.03 -21.58 -15.87
C GLU A 37 2.10 -20.57 -15.43
N LEU A 38 1.71 -19.33 -15.17
CA LEU A 38 2.66 -18.33 -14.69
C LEU A 38 3.24 -18.74 -13.35
N ALA A 39 2.43 -19.37 -12.52
CA ALA A 39 2.91 -19.88 -11.24
C ALA A 39 4.06 -20.85 -11.47
N ARG A 40 3.86 -21.83 -12.36
CA ARG A 40 4.92 -22.78 -12.68
C ARG A 40 6.14 -22.08 -13.27
N GLU A 41 5.94 -21.10 -14.15
CA GLU A 41 7.07 -20.38 -14.74
C GLU A 41 7.91 -19.69 -13.67
N THR A 42 7.26 -19.02 -12.70
CA THR A 42 7.98 -18.19 -11.75
C THR A 42 8.43 -18.93 -10.49
N GLY A 43 7.86 -20.09 -10.20
CA GLY A 43 8.08 -20.72 -8.90
C GLY A 43 7.40 -20.04 -7.73
N LEU A 44 6.32 -19.33 -7.98
CA LEU A 44 5.51 -18.67 -6.97
C LEU A 44 4.21 -19.42 -6.76
N PRO A 45 3.60 -19.33 -5.58
CA PRO A 45 2.25 -19.90 -5.44
C PRO A 45 1.26 -19.15 -6.31
N GLU A 46 0.27 -19.90 -6.80
CA GLU A 46 -0.80 -19.29 -7.58
C GLU A 46 -1.44 -18.10 -6.86
N SER A 47 -1.66 -18.23 -5.55
CA SER A 47 -2.33 -17.14 -4.84
C SER A 47 -1.53 -15.85 -4.89
N ARG A 48 -0.21 -15.94 -4.89
CA ARG A 48 0.61 -14.72 -4.94
C ARG A 48 0.58 -14.09 -6.32
N ILE A 49 0.46 -14.91 -7.37
CA ILE A 49 0.30 -14.40 -8.72
C ILE A 49 -0.99 -13.60 -8.84
N GLN A 50 -2.10 -14.16 -8.34
CA GLN A 50 -3.37 -13.44 -8.38
C GLN A 50 -3.26 -12.09 -7.68
N ILE A 51 -2.69 -12.07 -6.47
CA ILE A 51 -2.53 -10.84 -5.73
C ILE A 51 -1.75 -9.82 -6.54
N TRP A 52 -0.65 -10.26 -7.16
CA TRP A 52 0.15 -9.39 -8.01
C TRP A 52 -0.68 -8.73 -9.10
N PHE A 53 -1.48 -9.53 -9.81
CA PHE A 53 -2.30 -8.95 -10.87
C PHE A 53 -3.34 -8.02 -10.29
N GLN A 54 -3.98 -8.38 -9.18
CA GLN A 54 -4.99 -7.52 -8.60
C GLN A 54 -4.39 -6.17 -8.21
N ASN A 55 -3.23 -6.19 -7.56
CA ASN A 55 -2.61 -4.94 -7.11
C ASN A 55 -2.13 -4.13 -8.30
N ARG A 56 -1.56 -4.82 -9.28
CA ARG A 56 -1.05 -4.15 -10.47
C ARG A 56 -2.16 -3.47 -11.25
N ARG A 57 -3.31 -4.13 -11.38
CA ARG A 57 -4.42 -3.47 -12.06
C ARG A 57 -4.97 -2.31 -11.26
N ALA A 58 -4.94 -2.41 -9.93
CA ALA A 58 -5.41 -1.29 -9.13
C ALA A 58 -4.46 -0.11 -9.13
N ARG A 59 -3.17 -0.37 -9.26
CA ARG A 59 -2.12 0.66 -9.33
C ARG A 59 -1.80 1.22 -10.71
N HIS A 60 -2.09 0.50 -11.81
CA HIS A 60 -1.79 1.00 -13.15
C HIS A 60 -2.99 0.86 -14.08
N PRO A 61 -4.03 1.66 -13.85
CA PRO A 61 -5.15 1.68 -14.79
C PRO A 61 -4.72 2.21 -16.16
N GLY A 62 -5.44 1.76 -17.19
CA GLY A 62 -5.10 2.12 -18.57
C GLY A 62 -3.69 1.72 -18.97
N THR D 10 5.72 19.15 2.56
CA THR D 10 6.85 18.53 3.26
C THR D 10 7.18 19.34 4.52
N ALA D 11 7.65 18.66 5.56
CA ALA D 11 8.16 19.34 6.75
C ALA D 11 6.98 19.87 7.55
N VAL D 12 6.69 19.28 8.71
CA VAL D 12 5.64 19.80 9.57
C VAL D 12 6.21 20.66 10.68
N THR D 13 5.36 21.51 11.24
CA THR D 13 5.80 22.44 12.26
C THR D 13 5.91 21.73 13.61
N GLY D 14 6.46 22.44 14.59
CA GLY D 14 6.59 21.88 15.92
C GLY D 14 5.24 21.69 16.59
N SER D 15 4.36 22.69 16.45
CA SER D 15 3.01 22.64 17.00
C SER D 15 2.18 21.51 16.42
N GLN D 16 2.26 21.29 15.10
CA GLN D 16 1.46 20.24 14.49
C GLN D 16 1.87 18.87 15.01
N THR D 17 3.17 18.66 15.17
CA THR D 17 3.66 17.42 15.75
C THR D 17 3.06 17.20 17.14
N ALA D 18 3.11 18.22 17.98
CA ALA D 18 2.66 18.09 19.37
C ALA D 18 1.20 17.65 19.46
N LEU D 19 0.34 18.22 18.61
CA LEU D 19 -1.07 17.88 18.59
C LEU D 19 -1.30 16.42 18.20
N LEU D 20 -0.59 15.95 17.16
CA LEU D 20 -0.74 14.59 16.68
C LEU D 20 -0.40 13.54 17.75
N LEU D 21 0.59 13.79 18.60
CA LEU D 21 0.93 12.78 19.61
C LEU D 21 -0.21 12.57 20.60
N ARG D 22 -0.87 13.64 21.04
CA ARG D 22 -1.96 13.42 21.98
C ARG D 22 -3.04 12.57 21.33
N ALA D 23 -3.35 12.84 20.05
CA ALA D 23 -4.30 12.02 19.31
C ALA D 23 -3.79 10.59 19.17
N PHE D 24 -2.53 10.44 18.76
CA PHE D 24 -1.97 9.10 18.59
C PHE D 24 -2.12 8.28 19.87
N GLU D 25 -1.86 8.90 21.01
CA GLU D 25 -1.91 8.22 22.29
C GLU D 25 -3.34 7.97 22.77
N LYS D 26 -4.34 8.52 22.09
CA LYS D 26 -5.74 8.21 22.39
C LYS D 26 -6.41 7.38 21.32
N ASP D 27 -6.00 7.50 20.06
CA ASP D 27 -6.60 6.73 18.95
C ASP D 27 -5.46 6.41 18.00
N ARG D 28 -4.90 5.21 18.14
CA ARG D 28 -3.70 4.85 17.42
C ARG D 28 -3.99 4.52 15.95
N PHE D 29 -5.22 4.15 15.63
CA PHE D 29 -5.66 3.77 14.27
C PHE D 29 -6.91 4.59 13.96
N PRO D 30 -6.78 5.90 13.83
CA PRO D 30 -7.97 6.72 13.56
C PRO D 30 -8.62 6.39 12.23
N GLY D 31 -9.94 6.34 12.26
CA GLY D 31 -10.73 6.16 11.07
C GLY D 31 -10.81 7.47 10.30
N ILE D 32 -11.47 7.42 9.14
CA ILE D 32 -11.47 8.57 8.26
C ILE D 32 -12.03 9.80 8.96
N ALA D 33 -13.06 9.61 9.80
CA ALA D 33 -13.65 10.78 10.44
C ALA D 33 -12.68 11.41 11.44
N ALA D 34 -12.00 10.59 12.24
CA ALA D 34 -11.00 11.11 13.18
C ALA D 34 -9.86 11.77 12.41
N ARG D 35 -9.44 11.15 11.31
CA ARG D 35 -8.33 11.63 10.51
C ARG D 35 -8.69 12.93 9.80
N GLU D 36 -9.93 13.05 9.35
CA GLU D 36 -10.38 14.27 8.70
C GLU D 36 -10.37 15.43 9.69
N GLU D 37 -10.78 15.18 10.93
CA GLU D 37 -10.76 16.22 11.95
C GLU D 37 -9.34 16.72 12.21
N LEU D 38 -8.37 15.79 12.27
CA LEU D 38 -6.98 16.19 12.47
C LEU D 38 -6.49 17.05 11.31
N ALA D 39 -6.96 16.77 10.10
CA ALA D 39 -6.60 17.61 8.96
C ALA D 39 -7.00 19.07 9.20
N ARG D 40 -8.25 19.30 9.59
CA ARG D 40 -8.69 20.66 9.89
C ARG D 40 -7.92 21.26 11.07
N GLU D 41 -7.68 20.47 12.11
CA GLU D 41 -6.94 21.00 13.27
C GLU D 41 -5.54 21.46 12.87
N THR D 42 -4.84 20.65 12.08
CA THR D 42 -3.44 20.92 11.78
C THR D 42 -3.23 21.78 10.55
N GLY D 43 -4.23 21.89 9.68
CA GLY D 43 -4.04 22.50 8.37
C GLY D 43 -3.22 21.68 7.38
N LEU D 44 -3.21 20.36 7.54
CA LEU D 44 -2.52 19.44 6.65
C LEU D 44 -3.52 18.69 5.77
N PRO D 45 -3.12 18.24 4.59
CA PRO D 45 -4.01 17.35 3.81
C PRO D 45 -4.24 16.05 4.54
N GLU D 46 -5.45 15.53 4.36
CA GLU D 46 -5.84 14.24 4.91
C GLU D 46 -4.83 13.14 4.57
N SER D 47 -4.34 13.11 3.33
CA SER D 47 -3.42 12.04 2.94
C SER D 47 -2.14 12.04 3.77
N ARG D 48 -1.63 13.20 4.14
CA ARG D 48 -0.39 13.27 4.90
C ARG D 48 -0.56 12.83 6.35
N ILE D 49 -1.72 13.09 6.97
CA ILE D 49 -1.98 12.60 8.32
C ILE D 49 -1.98 11.08 8.35
N GLN D 50 -2.69 10.45 7.42
CA GLN D 50 -2.68 8.99 7.37
C GLN D 50 -1.26 8.49 7.25
N ILE D 51 -0.48 9.06 6.32
CA ILE D 51 0.90 8.65 6.14
C ILE D 51 1.68 8.84 7.44
N TRP D 52 1.49 9.98 8.11
CA TRP D 52 2.14 10.22 9.38
C TRP D 52 1.86 9.09 10.38
N PHE D 53 0.59 8.72 10.51
CA PHE D 53 0.23 7.65 11.44
C PHE D 53 0.84 6.33 11.00
N GLN D 54 0.82 6.01 9.71
CA GLN D 54 1.41 4.75 9.27
C GLN D 54 2.89 4.70 9.62
N ASN D 55 3.63 5.80 9.39
CA ASN D 55 5.06 5.80 9.67
C ASN D 55 5.32 5.76 11.17
N ARG D 56 4.53 6.51 11.93
CA ARG D 56 4.69 6.56 13.38
C ARG D 56 4.41 5.23 14.04
N ARG D 57 3.38 4.50 13.59
CA ARG D 57 3.16 3.19 14.19
C ARG D 57 4.26 2.18 13.87
N ALA D 58 4.86 2.23 12.68
CA ALA D 58 5.95 1.30 12.44
C ALA D 58 7.23 1.69 13.15
N ARG D 59 7.48 3.00 13.32
CA ARG D 59 8.65 3.50 14.05
C ARG D 59 8.49 3.71 15.56
N HIS D 60 7.27 3.95 16.06
CA HIS D 60 7.03 4.17 17.49
C HIS D 60 5.86 3.35 18.00
N PRO D 61 5.96 2.01 17.95
CA PRO D 61 4.81 1.32 18.56
C PRO D 61 4.65 1.69 20.03
#